data_3WBN
#
_entry.id   3WBN
#
_cell.length_a   152.728
_cell.length_b   59.828
_cell.length_c   68.034
_cell.angle_alpha   90.000
_cell.angle_beta   91.340
_cell.angle_gamma   90.000
#
_symmetry.space_group_name_H-M   'C 1 2 1'
#
loop_
_entity.id
_entity.type
_entity.pdbx_description
1 polymer 'Putative uncharacterized protein'
2 polymer MaL6
3 non-polymer '(2R)-2,3-dihydroxypropyl (9Z)-octadec-9-enoate'
4 water water
#
loop_
_entity_poly.entity_id
_entity_poly.type
_entity_poly.pdbx_seq_one_letter_code
_entity_poly.pdbx_strand_id
1 'polypeptide(L)'
;MSEKTTKGVQLLRGDPKKAIVRLSIPMMIGMSVQTLYNLADGIWVSGLGPESLAAVGLFFPVFMGIIALAAGLGVGTSSA
IARRIGARDKEGADNVAVHSLILSLILGVTITITMLPAIDSLFRSMGAKGEAVELAIEYARVLLAGAFIIVFNNVGNGIL
RGEGDANRAMLAMVLGSGLNIVLDPIFIYTLGFGVVGAAYATLLSMVVTSLFIAYWLFVKRDTYVDITLRDFSPSREILK
DILRVGLPSSLSQLSMSIAMFFLNSVAITAGGENGVAVFTSAWRITMLGIVPILGMAAATTSVTGAAYGERNVEKLETAY
LYAIKIAFMIELAVVAFIMLFAPQVAYLFTYSESAQVIKGDLISALRTLPVFLVLTPFGMMTSAMFQGIGEGEKSLILTI
FRTLVMQVGFAYIFVHYTTLGLRGVWIGIVIGNMVAAIVGFLWGRMRISALKKTSATGGKR
;
A
2 'polypeptide(L)' AFTFRYSPSLYTWFLFPCG B
#
loop_
_chem_comp.id
_chem_comp.type
_chem_comp.name
_chem_comp.formula
OLC non-polymer '(2R)-2,3-dihydroxypropyl (9Z)-octadec-9-enoate' 'C21 H40 O4'
#
# COMPACT_ATOMS: atom_id res chain seq x y z
N THR A 5 13.87 -25.35 -9.91
CA THR A 5 12.90 -26.35 -9.48
C THR A 5 11.47 -25.93 -9.85
N THR A 6 11.06 -24.75 -9.39
CA THR A 6 9.78 -24.17 -9.81
C THR A 6 10.00 -23.12 -10.90
N LYS A 7 8.95 -22.83 -11.66
CA LYS A 7 9.01 -21.83 -12.72
C LYS A 7 9.38 -20.46 -12.16
N GLY A 8 8.89 -20.16 -10.97
CA GLY A 8 9.15 -18.88 -10.34
C GLY A 8 10.60 -18.70 -9.92
N VAL A 9 11.20 -19.79 -9.42
CA VAL A 9 12.60 -19.78 -9.02
C VAL A 9 13.51 -19.63 -10.23
N GLN A 10 13.14 -20.28 -11.32
CA GLN A 10 13.91 -20.17 -12.55
C GLN A 10 13.81 -18.76 -13.15
N LEU A 11 12.64 -18.12 -12.96
CA LEU A 11 12.46 -16.74 -13.38
C LEU A 11 13.39 -15.82 -12.59
N LEU A 12 13.41 -16.00 -11.27
CA LEU A 12 14.26 -15.22 -10.37
C LEU A 12 15.74 -15.39 -10.69
N ARG A 13 16.13 -16.63 -10.98
CA ARG A 13 17.53 -16.95 -11.21
C ARG A 13 17.96 -16.75 -12.66
N GLY A 14 17.05 -16.24 -13.49
CA GLY A 14 17.33 -16.06 -14.90
C GLY A 14 17.60 -14.61 -15.25
N ASP A 15 17.35 -14.27 -16.51
CA ASP A 15 17.52 -12.90 -16.99
C ASP A 15 16.64 -11.93 -16.20
N PRO A 16 17.28 -10.88 -15.64
CA PRO A 16 16.58 -9.93 -14.75
C PRO A 16 15.45 -9.18 -15.42
N LYS A 17 15.59 -8.87 -16.71
CA LYS A 17 14.56 -8.13 -17.45
C LYS A 17 13.29 -8.96 -17.66
N LYS A 18 13.45 -10.25 -17.92
CA LYS A 18 12.30 -11.14 -18.07
C LYS A 18 11.58 -11.30 -16.74
N ALA A 19 12.33 -11.51 -15.67
CA ALA A 19 11.74 -11.64 -14.33
C ALA A 19 10.99 -10.36 -13.92
N ILE A 20 11.62 -9.21 -14.16
CA ILE A 20 11.02 -7.93 -13.84
C ILE A 20 9.63 -7.76 -14.49
N VAL A 21 9.54 -8.10 -15.77
CA VAL A 21 8.29 -7.97 -16.52
C VAL A 21 7.26 -9.02 -16.09
N ARG A 22 7.71 -10.27 -15.94
CA ARG A 22 6.80 -11.38 -15.66
C ARG A 22 6.34 -11.43 -14.19
N LEU A 23 7.00 -10.68 -13.32
CA LEU A 23 6.59 -10.62 -11.93
C LEU A 23 5.77 -9.36 -11.63
N SER A 24 6.07 -8.26 -12.32
CA SER A 24 5.36 -7.01 -12.11
C SER A 24 3.93 -7.01 -12.64
N ILE A 25 3.74 -7.56 -13.84
CA ILE A 25 2.41 -7.55 -14.47
C ILE A 25 1.29 -8.24 -13.66
N PRO A 26 1.52 -9.49 -13.20
CA PRO A 26 0.49 -10.09 -12.35
C PRO A 26 0.24 -9.31 -11.06
N MET A 27 1.27 -8.62 -10.55
CA MET A 27 1.08 -7.78 -9.37
C MET A 27 0.23 -6.54 -9.68
N MET A 28 0.45 -5.92 -10.83
CA MET A 28 -0.37 -4.79 -11.25
C MET A 28 -1.84 -5.20 -11.40
N ILE A 29 -2.06 -6.39 -11.96
CA ILE A 29 -3.41 -6.91 -12.16
C ILE A 29 -4.10 -7.13 -10.80
N GLY A 30 -3.38 -7.75 -9.87
CA GLY A 30 -3.90 -7.98 -8.54
C GLY A 30 -4.27 -6.70 -7.83
N MET A 31 -3.41 -5.69 -7.92
CA MET A 31 -3.65 -4.41 -7.26
C MET A 31 -4.77 -3.63 -7.94
N SER A 32 -4.98 -3.88 -9.23
CA SER A 32 -6.07 -3.23 -9.96
C SER A 32 -7.43 -3.72 -9.50
N VAL A 33 -7.51 -5.03 -9.21
CA VAL A 33 -8.76 -5.61 -8.71
C VAL A 33 -9.05 -5.10 -7.29
N GLN A 34 -8.01 -5.01 -6.46
CA GLN A 34 -8.15 -4.43 -5.13
C GLN A 34 -8.65 -2.99 -5.22
N THR A 35 -8.16 -2.25 -6.21
CA THR A 35 -8.60 -0.88 -6.43
C THR A 35 -10.06 -0.85 -6.87
N LEU A 36 -10.44 -1.77 -7.75
CA LEU A 36 -11.83 -1.89 -8.18
C LEU A 36 -12.76 -2.20 -7.01
N TYR A 37 -12.31 -3.06 -6.10
CA TYR A 37 -13.09 -3.36 -4.91
C TYR A 37 -13.39 -2.09 -4.11
N ASN A 38 -12.35 -1.30 -3.87
CA ASN A 38 -12.48 -0.09 -3.05
C ASN A 38 -13.45 0.92 -3.66
N LEU A 39 -13.36 1.10 -4.98
CA LEU A 39 -14.23 2.03 -5.68
C LEU A 39 -15.68 1.57 -5.61
N ALA A 40 -15.91 0.29 -5.89
CA ALA A 40 -17.25 -0.29 -5.81
C ALA A 40 -17.81 -0.15 -4.40
N ASP A 41 -16.97 -0.43 -3.40
CA ASP A 41 -17.39 -0.34 -2.01
C ASP A 41 -17.79 1.08 -1.62
N GLY A 42 -17.04 2.07 -2.12
CA GLY A 42 -17.34 3.45 -1.83
C GLY A 42 -18.69 3.87 -2.39
N ILE A 43 -19.07 3.27 -3.51
CA ILE A 43 -20.37 3.54 -4.11
C ILE A 43 -21.51 2.94 -3.28
N TRP A 44 -21.35 1.69 -2.84
CA TRP A 44 -22.35 1.04 -2.01
C TRP A 44 -22.59 1.82 -0.70
N VAL A 45 -21.50 2.15 -0.02
CA VAL A 45 -21.58 2.84 1.27
C VAL A 45 -22.14 4.26 1.17
N SER A 46 -21.85 4.95 0.07
CA SER A 46 -22.32 6.33 -0.10
C SER A 46 -23.84 6.41 -0.18
N GLY A 47 -24.49 5.34 -0.60
CA GLY A 47 -25.95 5.33 -0.72
C GLY A 47 -26.62 4.94 0.59
N LEU A 48 -25.82 4.70 1.62
CA LEU A 48 -26.34 4.38 2.95
C LEU A 48 -26.52 5.64 3.80
N GLY A 49 -26.02 6.77 3.30
CA GLY A 49 -26.15 8.04 4.02
C GLY A 49 -24.98 8.35 4.92
N PRO A 50 -24.87 9.63 5.35
CA PRO A 50 -23.78 10.22 6.12
C PRO A 50 -23.38 9.46 7.39
N GLU A 51 -24.34 8.90 8.12
CA GLU A 51 -24.03 8.15 9.34
C GLU A 51 -23.12 6.95 9.08
N SER A 52 -23.41 6.20 8.02
CA SER A 52 -22.60 5.05 7.65
C SER A 52 -21.25 5.50 7.08
N LEU A 53 -21.28 6.58 6.30
CA LEU A 53 -20.07 7.13 5.71
C LEU A 53 -19.12 7.68 6.78
N ALA A 54 -19.70 8.22 7.85
CA ALA A 54 -18.89 8.76 8.95
C ALA A 54 -18.33 7.64 9.83
N ALA A 55 -19.09 6.55 9.96
CA ALA A 55 -18.63 5.39 10.70
C ALA A 55 -17.38 4.80 10.05
N VAL A 56 -17.42 4.69 8.72
CA VAL A 56 -16.30 4.17 7.95
C VAL A 56 -15.09 5.09 8.04
N GLY A 57 -15.34 6.40 7.90
CA GLY A 57 -14.27 7.39 8.01
C GLY A 57 -13.60 7.38 9.36
N LEU A 58 -14.40 7.21 10.41
CA LEU A 58 -13.89 7.11 11.78
C LEU A 58 -12.88 5.97 11.92
N PHE A 59 -13.22 4.81 11.35
CA PHE A 59 -12.44 3.59 11.50
C PHE A 59 -11.21 3.56 10.58
N PHE A 60 -11.23 4.43 9.57
CA PHE A 60 -10.19 4.45 8.53
C PHE A 60 -8.72 4.37 9.00
N PRO A 61 -8.32 5.18 10.00
CA PRO A 61 -6.90 5.15 10.40
C PRO A 61 -6.49 3.83 11.06
N VAL A 62 -7.34 3.27 11.92
CA VAL A 62 -7.07 1.99 12.55
C VAL A 62 -6.87 0.91 11.49
N PHE A 63 -7.72 0.95 10.47
CA PHE A 63 -7.65 -0.01 9.38
C PHE A 63 -6.35 0.10 8.61
N MET A 64 -5.93 1.33 8.33
CA MET A 64 -4.66 1.56 7.63
C MET A 64 -3.47 1.11 8.45
N GLY A 65 -3.56 1.27 9.77
CA GLY A 65 -2.52 0.81 10.67
C GLY A 65 -2.36 -0.70 10.61
N ILE A 66 -3.49 -1.41 10.64
CA ILE A 66 -3.50 -2.87 10.52
C ILE A 66 -2.87 -3.32 9.19
N ILE A 67 -3.27 -2.67 8.10
CA ILE A 67 -2.72 -2.97 6.78
C ILE A 67 -1.21 -2.71 6.72
N ALA A 68 -0.76 -1.61 7.32
CA ALA A 68 0.66 -1.28 7.35
C ALA A 68 1.49 -2.38 8.02
N LEU A 69 0.99 -2.89 9.13
CA LEU A 69 1.67 -3.96 9.86
C LEU A 69 1.67 -5.27 9.07
N ALA A 70 0.52 -5.61 8.49
CA ALA A 70 0.39 -6.84 7.71
C ALA A 70 1.25 -6.82 6.45
N ALA A 71 1.15 -5.73 5.69
CA ALA A 71 1.91 -5.59 4.45
C ALA A 71 3.41 -5.48 4.72
N GLY A 72 3.76 -4.78 5.80
CA GLY A 72 5.15 -4.65 6.21
C GLY A 72 5.80 -6.00 6.42
N LEU A 73 5.14 -6.85 7.19
CA LEU A 73 5.64 -8.20 7.46
C LEU A 73 5.73 -9.01 6.17
N GLY A 74 4.81 -8.78 5.26
CA GLY A 74 4.81 -9.46 3.98
C GLY A 74 6.00 -9.09 3.11
N VAL A 75 6.38 -7.81 3.15
CA VAL A 75 7.50 -7.32 2.34
C VAL A 75 8.84 -7.82 2.89
N GLY A 76 8.99 -7.80 4.22
CA GLY A 76 10.19 -8.32 4.85
C GLY A 76 10.35 -9.82 4.62
N THR A 77 9.22 -10.52 4.61
CA THR A 77 9.19 -11.95 4.31
C THR A 77 9.64 -12.21 2.88
N SER A 78 9.06 -11.46 1.95
CA SER A 78 9.35 -11.60 0.54
C SER A 78 10.83 -11.34 0.25
N SER A 79 11.37 -10.29 0.84
CA SER A 79 12.77 -9.91 0.63
C SER A 79 13.74 -10.93 1.19
N ALA A 80 13.46 -11.43 2.39
CA ALA A 80 14.33 -12.41 3.03
C ALA A 80 14.35 -13.74 2.28
N ILE A 81 13.19 -14.16 1.81
CA ILE A 81 13.07 -15.39 1.03
C ILE A 81 13.80 -15.26 -0.30
N ALA A 82 13.51 -14.19 -1.05
CA ALA A 82 14.15 -13.95 -2.33
C ALA A 82 15.67 -13.95 -2.26
N ARG A 83 16.23 -13.37 -1.19
CA ARG A 83 17.68 -13.31 -1.02
C ARG A 83 18.30 -14.68 -0.79
N ARG A 84 17.64 -15.51 0.01
CA ARG A 84 18.17 -16.84 0.32
C ARG A 84 17.99 -17.83 -0.83
N ILE A 85 17.00 -17.59 -1.69
CA ILE A 85 16.84 -18.38 -2.91
C ILE A 85 17.96 -18.04 -3.89
N GLY A 86 18.37 -16.76 -3.89
CA GLY A 86 19.49 -16.32 -4.70
C GLY A 86 20.79 -16.97 -4.28
N ALA A 87 20.97 -17.15 -2.97
CA ALA A 87 22.19 -17.75 -2.45
C ALA A 87 22.17 -19.27 -2.54
N ARG A 88 21.15 -19.83 -3.19
CA ARG A 88 20.96 -21.28 -3.26
C ARG A 88 20.89 -21.86 -1.85
N ASP A 89 20.37 -21.06 -0.92
CA ASP A 89 20.27 -21.44 0.49
C ASP A 89 18.86 -21.92 0.78
N LYS A 90 18.58 -23.17 0.41
CA LYS A 90 17.23 -23.72 0.43
C LYS A 90 16.65 -23.87 1.84
N GLU A 91 17.44 -24.44 2.75
CA GLU A 91 17.02 -24.63 4.13
C GLU A 91 16.80 -23.29 4.81
N GLY A 92 17.53 -22.27 4.36
CA GLY A 92 17.36 -20.92 4.89
C GLY A 92 16.03 -20.33 4.49
N ALA A 93 15.66 -20.53 3.23
CA ALA A 93 14.39 -20.03 2.72
C ALA A 93 13.21 -20.75 3.37
N ASP A 94 13.34 -22.06 3.56
CA ASP A 94 12.33 -22.83 4.28
C ASP A 94 12.12 -22.24 5.68
N ASN A 95 13.22 -21.99 6.37
CA ASN A 95 13.18 -21.50 7.74
C ASN A 95 12.63 -20.08 7.85
N VAL A 96 12.96 -19.23 6.87
CA VAL A 96 12.41 -17.88 6.82
C VAL A 96 10.89 -17.94 6.67
N ALA A 97 10.42 -18.80 5.76
CA ALA A 97 9.00 -18.95 5.51
C ALA A 97 8.24 -19.39 6.76
N VAL A 98 8.81 -20.33 7.50
CA VAL A 98 8.19 -20.81 8.73
C VAL A 98 8.18 -19.73 9.81
N HIS A 99 9.31 -19.04 9.98
CA HIS A 99 9.40 -17.92 10.92
C HIS A 99 8.35 -16.85 10.59
N SER A 100 8.08 -16.65 9.30
CA SER A 100 7.13 -15.63 8.89
C SER A 100 5.68 -15.99 9.24
N LEU A 101 5.35 -17.28 9.14
CA LEU A 101 3.99 -17.74 9.47
C LEU A 101 3.72 -17.70 10.98
N ILE A 102 4.73 -18.05 11.77
CA ILE A 102 4.65 -17.92 13.22
C ILE A 102 4.49 -16.45 13.58
N LEU A 103 5.22 -15.58 12.89
CA LEU A 103 5.13 -14.14 13.11
C LEU A 103 3.76 -13.62 12.72
N SER A 104 3.14 -14.23 11.71
CA SER A 104 1.81 -13.80 11.27
C SER A 104 0.80 -14.07 12.38
N LEU A 105 0.98 -15.19 13.08
CA LEU A 105 0.10 -15.56 14.18
C LEU A 105 0.30 -14.61 15.35
N ILE A 106 1.56 -14.36 15.70
CA ILE A 106 1.88 -13.50 16.82
C ILE A 106 1.39 -12.07 16.59
N LEU A 107 1.73 -11.49 15.44
CA LEU A 107 1.31 -10.13 15.11
C LEU A 107 -0.21 -10.01 14.96
N GLY A 108 -0.80 -10.92 14.19
CA GLY A 108 -2.23 -10.87 13.93
C GLY A 108 -3.11 -10.98 15.16
N VAL A 109 -2.83 -11.96 16.00
CA VAL A 109 -3.61 -12.16 17.23
C VAL A 109 -3.31 -11.07 18.26
N THR A 110 -2.07 -10.56 18.27
CA THR A 110 -1.72 -9.46 19.16
C THR A 110 -2.53 -8.20 18.84
N ILE A 111 -2.66 -7.89 17.55
CA ILE A 111 -3.51 -6.78 17.11
C ILE A 111 -4.93 -6.95 17.63
N THR A 112 -5.47 -8.15 17.50
CA THR A 112 -6.84 -8.44 17.90
C THR A 112 -7.07 -8.22 19.40
N ILE A 113 -6.23 -8.84 20.22
CA ILE A 113 -6.39 -8.76 21.67
C ILE A 113 -6.01 -7.40 22.27
N THR A 114 -5.19 -6.63 21.55
CA THR A 114 -4.82 -5.29 22.00
C THR A 114 -5.92 -4.28 21.67
N MET A 115 -6.51 -4.41 20.49
CA MET A 115 -7.45 -3.40 20.00
C MET A 115 -8.92 -3.68 20.36
N LEU A 116 -9.27 -4.95 20.58
CA LEU A 116 -10.65 -5.28 20.96
C LEU A 116 -11.12 -4.62 22.27
N PRO A 117 -10.31 -4.67 23.34
CA PRO A 117 -10.77 -4.02 24.57
C PRO A 117 -10.58 -2.50 24.54
N ALA A 118 -9.90 -1.97 23.52
CA ALA A 118 -9.62 -0.54 23.45
C ALA A 118 -10.61 0.24 22.59
N ILE A 119 -11.29 -0.46 21.68
CA ILE A 119 -12.03 0.21 20.61
C ILE A 119 -13.27 1.00 21.04
N ASP A 120 -13.93 0.57 22.11
CA ASP A 120 -15.15 1.24 22.55
C ASP A 120 -14.88 2.65 23.07
N SER A 121 -13.85 2.80 23.91
CA SER A 121 -13.49 4.09 24.46
C SER A 121 -12.73 4.93 23.44
N LEU A 122 -11.93 4.28 22.62
CA LEU A 122 -11.12 4.96 21.61
C LEU A 122 -11.98 5.78 20.64
N PHE A 123 -13.01 5.16 20.09
CA PHE A 123 -13.90 5.82 19.14
C PHE A 123 -14.84 6.80 19.83
N ARG A 124 -15.03 6.62 21.13
CA ARG A 124 -15.80 7.57 21.93
C ARG A 124 -14.94 8.77 22.30
N SER A 125 -13.64 8.56 22.39
CA SER A 125 -12.70 9.61 22.76
C SER A 125 -12.51 10.65 21.67
N MET A 126 -12.98 10.35 20.46
CA MET A 126 -12.97 11.34 19.40
C MET A 126 -14.18 12.26 19.58
N GLY A 127 -14.31 13.25 18.71
CA GLY A 127 -15.34 14.26 18.88
C GLY A 127 -16.76 13.80 18.57
N ALA A 128 -16.88 12.81 17.69
CA ALA A 128 -18.18 12.38 17.19
C ALA A 128 -19.07 11.73 18.25
N LYS A 129 -20.35 11.57 17.91
CA LYS A 129 -21.34 10.98 18.81
C LYS A 129 -22.48 10.34 18.02
N GLY A 130 -23.35 9.62 18.72
CA GLY A 130 -24.53 9.06 18.10
C GLY A 130 -24.33 7.75 17.35
N GLU A 131 -25.15 7.52 16.33
CA GLU A 131 -25.21 6.24 15.64
C GLU A 131 -23.93 5.89 14.90
N ALA A 132 -23.33 6.88 14.24
CA ALA A 132 -22.12 6.65 13.47
C ALA A 132 -20.99 6.05 14.30
N VAL A 133 -20.91 6.45 15.57
CA VAL A 133 -19.92 5.89 16.48
C VAL A 133 -20.24 4.43 16.80
N GLU A 134 -21.52 4.15 17.06
CA GLU A 134 -21.96 2.79 17.34
C GLU A 134 -21.66 1.86 16.17
N LEU A 135 -21.92 2.33 14.96
CA LEU A 135 -21.63 1.56 13.76
C LEU A 135 -20.12 1.35 13.60
N ALA A 136 -19.34 2.39 13.86
CA ALA A 136 -17.88 2.33 13.76
C ALA A 136 -17.28 1.27 14.68
N ILE A 137 -17.79 1.20 15.91
CA ILE A 137 -17.35 0.20 16.87
C ILE A 137 -17.69 -1.22 16.40
N GLU A 138 -18.93 -1.41 15.96
CA GLU A 138 -19.37 -2.71 15.46
C GLU A 138 -18.60 -3.09 14.19
N TYR A 139 -18.34 -2.10 13.33
CA TYR A 139 -17.59 -2.33 12.11
C TYR A 139 -16.17 -2.76 12.45
N ALA A 140 -15.51 -2.00 13.32
CA ALA A 140 -14.14 -2.29 13.72
C ALA A 140 -14.00 -3.66 14.40
N ARG A 141 -14.99 -4.02 15.20
CA ARG A 141 -14.98 -5.30 15.90
C ARG A 141 -14.90 -6.48 14.93
N VAL A 142 -15.63 -6.40 13.82
CA VAL A 142 -15.63 -7.46 12.82
C VAL A 142 -14.28 -7.61 12.14
N LEU A 143 -13.65 -6.50 11.79
CA LEU A 143 -12.37 -6.53 11.10
C LEU A 143 -11.21 -6.89 12.04
N LEU A 144 -11.28 -6.43 13.28
CA LEU A 144 -10.26 -6.78 14.28
C LEU A 144 -10.28 -8.28 14.56
N ALA A 145 -11.47 -8.89 14.44
CA ALA A 145 -11.62 -10.32 14.62
C ALA A 145 -10.85 -11.10 13.57
N GLY A 146 -10.58 -10.47 12.43
CA GLY A 146 -9.86 -11.12 11.35
C GLY A 146 -8.47 -10.57 11.13
N ALA A 147 -7.95 -9.82 12.10
CA ALA A 147 -6.61 -9.25 12.02
C ALA A 147 -5.55 -10.30 11.69
N PHE A 148 -5.69 -11.48 12.28
CA PHE A 148 -4.77 -12.59 11.99
C PHE A 148 -4.91 -13.07 10.54
N ILE A 149 -6.15 -13.18 10.08
CA ILE A 149 -6.43 -13.57 8.69
C ILE A 149 -5.78 -12.58 7.70
N ILE A 150 -5.85 -11.29 8.03
CA ILE A 150 -5.24 -10.26 7.20
C ILE A 150 -3.71 -10.40 7.12
N VAL A 151 -3.07 -10.57 8.27
CA VAL A 151 -1.62 -10.72 8.33
C VAL A 151 -1.16 -11.99 7.63
N PHE A 152 -1.85 -13.11 7.91
CA PHE A 152 -1.55 -14.38 7.28
C PHE A 152 -1.64 -14.28 5.75
N ASN A 153 -2.67 -13.60 5.25
CA ASN A 153 -2.84 -13.42 3.82
C ASN A 153 -1.71 -12.61 3.18
N ASN A 154 -1.21 -11.60 3.90
CA ASN A 154 -0.10 -10.79 3.39
C ASN A 154 1.24 -11.52 3.45
N VAL A 155 1.42 -12.36 4.47
CA VAL A 155 2.64 -13.14 4.62
C VAL A 155 2.71 -14.26 3.58
N GLY A 156 1.56 -14.87 3.30
CA GLY A 156 1.47 -15.88 2.27
C GLY A 156 1.77 -15.28 0.90
N ASN A 157 1.22 -14.10 0.64
CA ASN A 157 1.51 -13.39 -0.60
C ASN A 157 3.00 -13.12 -0.73
N GLY A 158 3.62 -12.72 0.38
CA GLY A 158 5.05 -12.46 0.39
C GLY A 158 5.90 -13.70 0.18
N ILE A 159 5.41 -14.84 0.66
CA ILE A 159 6.11 -16.10 0.46
C ILE A 159 6.09 -16.47 -1.03
N LEU A 160 4.93 -16.29 -1.65
CA LEU A 160 4.77 -16.53 -3.09
C LEU A 160 5.65 -15.61 -3.92
N ARG A 161 5.56 -14.30 -3.67
CA ARG A 161 6.39 -13.33 -4.36
C ARG A 161 7.87 -13.56 -4.07
N GLY A 162 8.16 -14.06 -2.88
CA GLY A 162 9.52 -14.36 -2.47
C GLY A 162 10.16 -15.43 -3.35
N GLU A 163 9.35 -16.35 -3.85
CA GLU A 163 9.87 -17.42 -4.69
C GLU A 163 9.44 -17.29 -6.16
N GLY A 164 9.24 -16.05 -6.60
CA GLY A 164 8.93 -15.76 -7.99
C GLY A 164 7.58 -16.24 -8.49
N ASP A 165 6.69 -16.59 -7.58
CA ASP A 165 5.36 -17.05 -7.97
C ASP A 165 4.32 -15.92 -7.87
N ALA A 166 4.46 -14.94 -8.74
CA ALA A 166 3.54 -13.80 -8.74
C ALA A 166 2.14 -14.18 -9.23
N ASN A 167 2.06 -15.20 -10.08
CA ASN A 167 0.79 -15.66 -10.62
C ASN A 167 -0.21 -16.09 -9.53
N ARG A 168 0.25 -16.91 -8.59
CA ARG A 168 -0.58 -17.32 -7.46
C ARG A 168 -0.77 -16.18 -6.46
N ALA A 169 0.23 -15.31 -6.36
CA ALA A 169 0.10 -14.10 -5.53
C ALA A 169 -1.01 -13.23 -6.11
N MET A 170 -1.03 -13.11 -7.44
CA MET A 170 -2.08 -12.38 -8.13
C MET A 170 -3.44 -13.05 -7.90
N LEU A 171 -3.49 -14.36 -8.11
CA LEU A 171 -4.72 -15.12 -8.00
C LEU A 171 -5.39 -14.91 -6.63
N ALA A 172 -4.60 -14.99 -5.57
CA ALA A 172 -5.12 -14.81 -4.22
C ALA A 172 -5.72 -13.41 -4.03
N MET A 173 -5.08 -12.40 -4.59
CA MET A 173 -5.60 -11.04 -4.54
C MET A 173 -6.91 -10.95 -5.32
N VAL A 174 -6.92 -11.53 -6.52
CA VAL A 174 -8.11 -11.55 -7.37
C VAL A 174 -9.28 -12.24 -6.69
N LEU A 175 -9.01 -13.41 -6.10
CA LEU A 175 -10.04 -14.17 -5.38
C LEU A 175 -10.61 -13.36 -4.22
N GLY A 176 -9.74 -12.83 -3.38
CA GLY A 176 -10.18 -12.05 -2.23
C GLY A 176 -10.97 -10.82 -2.58
N SER A 177 -10.42 -9.97 -3.44
CA SER A 177 -11.09 -8.74 -3.83
C SER A 177 -12.33 -9.00 -4.68
N GLY A 178 -12.29 -10.01 -5.54
CA GLY A 178 -13.43 -10.37 -6.35
C GLY A 178 -14.59 -10.87 -5.52
N LEU A 179 -14.29 -11.73 -4.55
CA LEU A 179 -15.31 -12.23 -3.64
C LEU A 179 -15.92 -11.11 -2.80
N ASN A 180 -15.09 -10.17 -2.38
CA ASN A 180 -15.59 -9.03 -1.59
C ASN A 180 -16.54 -8.18 -2.44
N ILE A 181 -16.24 -8.10 -3.74
CA ILE A 181 -17.08 -7.37 -4.69
C ILE A 181 -18.45 -8.02 -4.85
N VAL A 182 -18.48 -9.34 -4.86
CA VAL A 182 -19.73 -10.10 -4.96
C VAL A 182 -20.54 -9.98 -3.68
N LEU A 183 -19.88 -10.12 -2.53
CA LEU A 183 -20.57 -10.15 -1.24
C LEU A 183 -21.08 -8.78 -0.78
N ASP A 184 -20.44 -7.71 -1.24
CA ASP A 184 -20.80 -6.35 -0.79
C ASP A 184 -22.30 -6.02 -0.96
N PRO A 185 -22.82 -6.02 -2.20
CA PRO A 185 -24.24 -5.67 -2.28
C PRO A 185 -25.16 -6.73 -1.63
N ILE A 186 -24.75 -8.00 -1.66
CA ILE A 186 -25.53 -9.05 -1.02
C ILE A 186 -25.69 -8.80 0.49
N PHE A 187 -24.58 -8.45 1.14
CA PHE A 187 -24.58 -8.27 2.60
C PHE A 187 -25.19 -6.94 3.01
N ILE A 188 -24.83 -5.88 2.29
CA ILE A 188 -25.32 -4.53 2.62
C ILE A 188 -26.80 -4.36 2.30
N TYR A 189 -27.20 -4.71 1.08
CA TYR A 189 -28.55 -4.42 0.60
C TYR A 189 -29.53 -5.59 0.59
N THR A 190 -29.12 -6.73 0.05
CA THR A 190 -30.02 -7.87 -0.07
C THR A 190 -30.37 -8.46 1.30
N LEU A 191 -29.37 -8.66 2.14
CA LEU A 191 -29.58 -9.19 3.48
C LEU A 191 -29.91 -8.06 4.47
N GLY A 192 -29.73 -6.81 4.04
CA GLY A 192 -30.13 -5.65 4.82
C GLY A 192 -29.30 -5.36 6.05
N PHE A 193 -28.02 -5.73 6.01
CA PHE A 193 -27.14 -5.55 7.16
C PHE A 193 -26.54 -4.14 7.22
N GLY A 194 -26.74 -3.36 6.16
CA GLY A 194 -26.20 -2.02 6.12
C GLY A 194 -24.67 -2.01 6.10
N VAL A 195 -24.07 -0.98 6.69
CA VAL A 195 -22.63 -0.77 6.58
C VAL A 195 -21.79 -1.88 7.23
N VAL A 196 -22.29 -2.47 8.32
CA VAL A 196 -21.58 -3.56 8.99
C VAL A 196 -21.53 -4.79 8.08
N GLY A 197 -22.46 -4.86 7.13
CA GLY A 197 -22.46 -5.92 6.15
C GLY A 197 -21.21 -5.92 5.28
N ALA A 198 -20.70 -4.73 4.99
CA ALA A 198 -19.46 -4.59 4.22
C ALA A 198 -18.27 -5.15 5.00
N ALA A 199 -18.27 -4.95 6.31
CA ALA A 199 -17.23 -5.51 7.16
C ALA A 199 -17.27 -7.04 7.12
N TYR A 200 -18.47 -7.59 7.19
CA TYR A 200 -18.65 -9.04 7.15
C TYR A 200 -18.28 -9.61 5.77
N ALA A 201 -18.64 -8.87 4.72
CA ALA A 201 -18.28 -9.27 3.36
C ALA A 201 -16.76 -9.37 3.22
N THR A 202 -16.06 -8.38 3.76
CA THR A 202 -14.61 -8.35 3.75
C THR A 202 -14.01 -9.49 4.56
N LEU A 203 -14.48 -9.65 5.80
CA LEU A 203 -14.00 -10.71 6.68
C LEU A 203 -14.13 -12.07 6.02
N LEU A 204 -15.29 -12.33 5.42
CA LEU A 204 -15.55 -13.60 4.78
C LEU A 204 -14.64 -13.80 3.56
N SER A 205 -14.44 -12.73 2.79
CA SER A 205 -13.61 -12.82 1.59
C SER A 205 -12.14 -13.02 1.96
N MET A 206 -11.72 -12.48 3.10
CA MET A 206 -10.38 -12.70 3.61
C MET A 206 -10.18 -14.14 4.09
N VAL A 207 -11.18 -14.68 4.75
CA VAL A 207 -11.13 -16.06 5.25
C VAL A 207 -11.01 -17.07 4.10
N VAL A 208 -11.80 -16.86 3.05
CA VAL A 208 -11.74 -17.70 1.86
C VAL A 208 -10.36 -17.64 1.21
N THR A 209 -9.81 -16.44 1.09
CA THR A 209 -8.44 -16.25 0.59
C THR A 209 -7.44 -17.03 1.44
N SER A 210 -7.64 -17.02 2.75
CA SER A 210 -6.80 -17.76 3.68
C SER A 210 -6.82 -19.26 3.39
N LEU A 211 -7.99 -19.75 3.00
CA LEU A 211 -8.17 -21.18 2.75
C LEU A 211 -7.38 -21.62 1.51
N PHE A 212 -7.41 -20.80 0.47
CA PHE A 212 -6.65 -21.10 -0.74
C PHE A 212 -5.15 -21.10 -0.44
N ILE A 213 -4.69 -20.07 0.26
CA ILE A 213 -3.28 -19.95 0.60
C ILE A 213 -2.82 -21.12 1.48
N ALA A 214 -3.60 -21.43 2.51
CA ALA A 214 -3.30 -22.56 3.38
C ALA A 214 -3.29 -23.87 2.58
N TYR A 215 -4.25 -24.01 1.67
CA TYR A 215 -4.34 -25.20 0.82
C TYR A 215 -3.07 -25.39 0.00
N TRP A 216 -2.58 -24.29 -0.60
CA TRP A 216 -1.36 -24.33 -1.40
C TRP A 216 -0.14 -24.64 -0.52
N LEU A 217 -0.09 -24.02 0.65
CA LEU A 217 1.07 -24.10 1.52
C LEU A 217 1.16 -25.42 2.28
N PHE A 218 0.01 -25.96 2.68
CA PHE A 218 -0.03 -27.09 3.60
C PHE A 218 -0.59 -28.38 3.02
N VAL A 219 -1.41 -28.28 1.98
CA VAL A 219 -2.05 -29.46 1.39
C VAL A 219 -1.40 -29.85 0.07
N LYS A 220 -1.45 -28.94 -0.89
CA LYS A 220 -0.81 -29.16 -2.18
C LYS A 220 0.71 -29.21 -2.02
N ARG A 221 1.23 -28.33 -1.17
CA ARG A 221 2.66 -28.30 -0.84
C ARG A 221 3.53 -28.17 -2.09
N ASP A 222 3.03 -27.46 -3.10
CA ASP A 222 3.72 -27.36 -4.37
C ASP A 222 4.53 -26.07 -4.50
N THR A 223 4.72 -25.37 -3.39
CA THR A 223 5.62 -24.22 -3.34
C THR A 223 7.06 -24.71 -3.40
N TYR A 224 7.98 -23.81 -3.73
CA TYR A 224 9.40 -24.15 -3.73
C TYR A 224 9.88 -24.41 -2.31
N VAL A 225 9.53 -23.52 -1.39
CA VAL A 225 9.90 -23.71 0.01
C VAL A 225 9.06 -24.77 0.71
N ASP A 226 9.66 -25.43 1.69
CA ASP A 226 8.94 -26.41 2.50
C ASP A 226 8.58 -25.79 3.84
N ILE A 227 7.32 -25.94 4.25
CA ILE A 227 6.88 -25.42 5.54
C ILE A 227 6.51 -26.56 6.49
N THR A 228 7.45 -26.89 7.39
CA THR A 228 7.23 -27.89 8.43
C THR A 228 7.83 -27.39 9.73
N LEU A 229 7.31 -27.87 10.86
CA LEU A 229 7.87 -27.51 12.15
C LEU A 229 9.15 -28.29 12.40
N ARG A 230 9.25 -29.46 11.78
CA ARG A 230 10.42 -30.33 11.93
C ARG A 230 11.70 -29.65 11.47
N ASP A 231 11.60 -28.89 10.37
CA ASP A 231 12.73 -28.11 9.88
C ASP A 231 12.53 -26.62 10.16
N PHE A 232 12.09 -26.33 11.38
CA PHE A 232 12.04 -24.96 11.90
C PHE A 232 13.02 -24.84 13.06
N SER A 233 13.99 -23.96 12.92
CA SER A 233 14.97 -23.75 13.97
C SER A 233 14.97 -22.29 14.37
N PRO A 234 14.47 -22.00 15.57
CA PRO A 234 14.36 -20.62 16.09
C PRO A 234 15.65 -19.82 15.88
N SER A 235 15.55 -18.76 15.08
CA SER A 235 16.73 -18.00 14.66
C SER A 235 16.53 -16.50 14.88
N ARG A 236 17.38 -15.90 15.71
CA ARG A 236 17.31 -14.46 15.93
C ARG A 236 17.86 -13.68 14.73
N GLU A 237 18.71 -14.34 13.95
CA GLU A 237 19.24 -13.74 12.72
C GLU A 237 18.15 -13.60 11.66
N ILE A 238 17.34 -14.65 11.51
CA ILE A 238 16.21 -14.63 10.59
C ILE A 238 15.16 -13.60 11.01
N LEU A 239 14.85 -13.58 12.30
CA LEU A 239 13.90 -12.62 12.85
C LEU A 239 14.38 -11.19 12.60
N LYS A 240 15.67 -10.94 12.79
CA LYS A 240 16.23 -9.61 12.56
C LYS A 240 16.27 -9.26 11.07
N ASP A 241 16.52 -10.27 10.22
CA ASP A 241 16.52 -10.06 8.77
C ASP A 241 15.14 -9.64 8.26
N ILE A 242 14.11 -10.32 8.72
CA ILE A 242 12.73 -10.01 8.32
C ILE A 242 12.30 -8.64 8.85
N LEU A 243 12.61 -8.37 10.12
CA LEU A 243 12.18 -7.12 10.76
C LEU A 243 12.95 -5.88 10.31
N ARG A 244 14.17 -6.07 9.80
CA ARG A 244 14.95 -4.94 9.29
C ARG A 244 14.33 -4.35 8.03
N VAL A 245 13.50 -5.14 7.35
CA VAL A 245 12.76 -4.65 6.19
C VAL A 245 11.30 -4.42 6.57
N GLY A 246 10.73 -5.39 7.29
CA GLY A 246 9.32 -5.33 7.66
C GLY A 246 8.91 -4.13 8.49
N LEU A 247 9.58 -3.90 9.61
CA LEU A 247 9.26 -2.78 10.48
C LEU A 247 9.43 -1.41 9.81
N PRO A 248 10.56 -1.17 9.13
CA PRO A 248 10.65 0.09 8.38
C PRO A 248 9.60 0.19 7.27
N SER A 249 9.20 -0.94 6.69
CA SER A 249 8.16 -0.94 5.66
C SER A 249 6.82 -0.49 6.21
N SER A 250 6.49 -0.96 7.42
CA SER A 250 5.24 -0.57 8.06
C SER A 250 5.23 0.92 8.36
N LEU A 251 6.38 1.43 8.81
CA LEU A 251 6.50 2.84 9.15
C LEU A 251 6.40 3.72 7.92
N SER A 252 6.91 3.22 6.79
CA SER A 252 6.81 3.95 5.54
C SER A 252 5.35 4.13 5.13
N GLN A 253 4.57 3.05 5.20
CA GLN A 253 3.15 3.11 4.88
C GLN A 253 2.38 4.02 5.83
N LEU A 254 2.88 4.16 7.06
CA LEU A 254 2.26 5.05 8.03
C LEU A 254 2.69 6.49 7.80
N SER A 255 3.90 6.66 7.29
CA SER A 255 4.39 7.98 6.90
C SER A 255 3.55 8.50 5.73
N MET A 256 3.08 7.57 4.90
CA MET A 256 2.22 7.92 3.77
C MET A 256 0.88 8.42 4.28
N SER A 257 0.29 7.68 5.20
CA SER A 257 -1.00 8.05 5.78
C SER A 257 -0.92 9.36 6.55
N ILE A 258 0.15 9.54 7.33
CA ILE A 258 0.36 10.77 8.07
C ILE A 258 0.42 11.97 7.12
N ALA A 259 1.08 11.78 5.97
CA ALA A 259 1.18 12.83 4.97
C ALA A 259 -0.19 13.20 4.40
N MET A 260 -1.04 12.20 4.17
CA MET A 260 -2.39 12.46 3.66
C MET A 260 -3.24 13.26 4.65
N PHE A 261 -3.09 12.98 5.94
CA PHE A 261 -3.82 13.67 6.98
C PHE A 261 -3.33 15.12 7.13
N PHE A 262 -2.04 15.34 6.85
CA PHE A 262 -1.48 16.69 6.83
C PHE A 262 -1.96 17.44 5.60
N LEU A 263 -1.98 16.77 4.45
CA LEU A 263 -2.40 17.38 3.21
C LEU A 263 -3.89 17.70 3.20
N ASN A 264 -4.69 16.91 3.93
CA ASN A 264 -6.10 17.25 4.16
C ASN A 264 -6.22 18.63 4.82
N SER A 265 -5.39 18.86 5.83
CA SER A 265 -5.39 20.13 6.55
C SER A 265 -4.90 21.28 5.68
N VAL A 266 -3.92 21.01 4.82
CA VAL A 266 -3.43 22.00 3.87
C VAL A 266 -4.49 22.33 2.83
N ALA A 267 -5.23 21.31 2.39
CA ALA A 267 -6.28 21.49 1.41
C ALA A 267 -7.48 22.28 1.94
N ILE A 268 -7.87 22.05 3.19
CA ILE A 268 -8.98 22.81 3.78
C ILE A 268 -8.56 24.26 4.02
N THR A 269 -7.27 24.48 4.22
CA THR A 269 -6.73 25.82 4.44
C THR A 269 -6.67 26.59 3.11
N ALA A 270 -6.37 25.88 2.04
CA ALA A 270 -6.25 26.49 0.73
C ALA A 270 -7.59 26.68 0.03
N GLY A 271 -8.52 25.73 0.21
CA GLY A 271 -9.78 25.78 -0.51
C GLY A 271 -11.05 25.38 0.23
N GLY A 272 -10.97 25.20 1.54
CA GLY A 272 -12.17 24.89 2.31
C GLY A 272 -12.60 23.44 2.19
N GLU A 273 -13.81 23.13 2.63
CA GLU A 273 -14.33 21.76 2.61
C GLU A 273 -14.32 21.18 1.20
N ASN A 274 -14.81 21.96 0.24
CA ASN A 274 -14.83 21.53 -1.16
C ASN A 274 -13.44 21.25 -1.72
N GLY A 275 -12.45 21.98 -1.20
CA GLY A 275 -11.06 21.77 -1.60
C GLY A 275 -10.51 20.46 -1.04
N VAL A 276 -11.02 20.04 0.10
CA VAL A 276 -10.68 18.73 0.65
C VAL A 276 -11.23 17.65 -0.27
N ALA A 277 -12.44 17.87 -0.77
CA ALA A 277 -13.07 16.94 -1.70
C ALA A 277 -12.31 16.83 -3.02
N VAL A 278 -11.83 17.97 -3.53
CA VAL A 278 -11.00 17.99 -4.73
C VAL A 278 -9.70 17.20 -4.51
N PHE A 279 -9.02 17.47 -3.41
CA PHE A 279 -7.79 16.75 -3.07
C PHE A 279 -8.04 15.25 -2.96
N THR A 280 -9.10 14.89 -2.23
CA THR A 280 -9.42 13.47 -2.03
C THR A 280 -9.67 12.77 -3.37
N SER A 281 -10.42 13.42 -4.26
CA SER A 281 -10.71 12.86 -5.57
C SER A 281 -9.46 12.78 -6.45
N ALA A 282 -8.77 13.90 -6.60
CA ALA A 282 -7.55 13.96 -7.41
C ALA A 282 -6.49 12.98 -6.93
N TRP A 283 -6.48 12.71 -5.62
CA TRP A 283 -5.50 11.80 -5.04
C TRP A 283 -5.87 10.35 -5.34
N ARG A 284 -7.16 10.03 -5.29
CA ARG A 284 -7.61 8.69 -5.64
C ARG A 284 -7.29 8.36 -7.10
N ILE A 285 -7.54 9.32 -7.99
CA ILE A 285 -7.24 9.16 -9.41
C ILE A 285 -5.73 9.03 -9.62
N THR A 286 -4.95 9.88 -8.95
CA THR A 286 -3.50 9.83 -9.05
C THR A 286 -2.94 8.49 -8.54
N MET A 287 -3.50 8.00 -7.44
CA MET A 287 -3.08 6.73 -6.89
C MET A 287 -3.51 5.55 -7.76
N LEU A 288 -4.41 5.80 -8.71
CA LEU A 288 -4.76 4.78 -9.71
C LEU A 288 -3.58 4.56 -10.64
N GLY A 289 -2.98 5.66 -11.10
CA GLY A 289 -1.87 5.60 -12.03
C GLY A 289 -0.56 5.21 -11.38
N ILE A 290 -0.54 5.11 -10.06
CA ILE A 290 0.66 4.69 -9.35
C ILE A 290 0.70 3.17 -9.15
N VAL A 291 -0.44 2.51 -9.36
CA VAL A 291 -0.55 1.06 -9.26
C VAL A 291 0.50 0.27 -10.06
N PRO A 292 0.74 0.64 -11.33
CA PRO A 292 1.81 -0.08 -12.05
C PRO A 292 3.19 0.09 -11.41
N ILE A 293 3.45 1.24 -10.79
CA ILE A 293 4.72 1.47 -10.11
C ILE A 293 4.87 0.53 -8.90
N LEU A 294 3.80 0.40 -8.13
CA LEU A 294 3.78 -0.52 -7.00
C LEU A 294 4.03 -1.96 -7.46
N GLY A 295 3.40 -2.36 -8.56
CA GLY A 295 3.58 -3.70 -9.09
C GLY A 295 5.01 -3.94 -9.52
N MET A 296 5.61 -2.92 -10.11
CA MET A 296 6.99 -2.99 -10.58
C MET A 296 7.99 -2.86 -9.43
N ALA A 297 7.55 -2.23 -8.34
CA ALA A 297 8.38 -2.12 -7.15
C ALA A 297 8.45 -3.45 -6.40
N ALA A 298 7.31 -4.14 -6.32
CA ALA A 298 7.26 -5.46 -5.70
C ALA A 298 8.17 -6.45 -6.43
N ALA A 299 8.18 -6.38 -7.75
CA ALA A 299 9.05 -7.24 -8.56
C ALA A 299 10.52 -6.90 -8.34
N THR A 300 10.83 -5.60 -8.27
CA THR A 300 12.21 -5.15 -8.08
C THR A 300 12.80 -5.71 -6.79
N THR A 301 12.03 -5.67 -5.71
CA THR A 301 12.45 -6.20 -4.42
C THR A 301 12.83 -7.67 -4.52
N SER A 302 12.05 -8.44 -5.27
CA SER A 302 12.29 -9.87 -5.43
C SER A 302 13.52 -10.16 -6.29
N VAL A 303 13.66 -9.45 -7.40
CA VAL A 303 14.77 -9.73 -8.30
C VAL A 303 16.09 -9.15 -7.81
N THR A 304 16.07 -7.96 -7.22
CA THR A 304 17.28 -7.39 -6.63
C THR A 304 17.73 -8.20 -5.43
N GLY A 305 16.76 -8.72 -4.66
CA GLY A 305 17.07 -9.60 -3.56
C GLY A 305 17.77 -10.86 -4.00
N ALA A 306 17.18 -11.55 -4.98
CA ALA A 306 17.76 -12.78 -5.50
C ALA A 306 19.13 -12.51 -6.13
N ALA A 307 19.26 -11.38 -6.82
CA ALA A 307 20.52 -10.98 -7.43
C ALA A 307 21.56 -10.71 -6.35
N TYR A 308 21.12 -10.14 -5.23
CA TYR A 308 21.99 -9.84 -4.10
C TYR A 308 22.37 -11.12 -3.36
N GLY A 309 21.49 -12.12 -3.41
CA GLY A 309 21.80 -13.41 -2.83
C GLY A 309 22.84 -14.15 -3.65
N GLU A 310 22.87 -13.88 -4.96
CA GLU A 310 23.84 -14.48 -5.85
C GLU A 310 25.16 -13.71 -5.83
N ARG A 311 25.21 -12.64 -5.04
CA ARG A 311 26.36 -11.73 -5.04
C ARG A 311 26.66 -11.22 -6.46
N ASN A 312 25.60 -10.89 -7.18
CA ASN A 312 25.69 -10.44 -8.57
C ASN A 312 25.19 -9.01 -8.74
N VAL A 313 26.07 -8.04 -8.52
CA VAL A 313 25.70 -6.62 -8.53
C VAL A 313 25.27 -6.14 -9.91
N GLU A 314 25.89 -6.70 -10.95
CA GLU A 314 25.53 -6.39 -12.33
C GLU A 314 24.06 -6.72 -12.61
N LYS A 315 23.65 -7.91 -12.20
CA LYS A 315 22.28 -8.36 -12.36
C LYS A 315 21.33 -7.47 -11.55
N LEU A 316 21.78 -7.07 -10.36
CA LEU A 316 20.98 -6.21 -9.47
C LEU A 316 20.73 -4.84 -10.09
N GLU A 317 21.79 -4.22 -10.61
CA GLU A 317 21.68 -2.90 -11.21
C GLU A 317 20.81 -2.93 -12.47
N THR A 318 20.99 -3.97 -13.28
CA THR A 318 20.21 -4.13 -14.50
C THR A 318 18.72 -4.20 -14.21
N ALA A 319 18.35 -5.03 -13.24
CA ALA A 319 16.96 -5.17 -12.82
C ALA A 319 16.39 -3.84 -12.35
N TYR A 320 17.16 -3.15 -11.51
CA TYR A 320 16.78 -1.87 -10.92
C TYR A 320 16.52 -0.77 -11.96
N LEU A 321 17.49 -0.56 -12.84
CA LEU A 321 17.40 0.49 -13.85
C LEU A 321 16.36 0.20 -14.91
N TYR A 322 16.15 -1.07 -15.20
CA TYR A 322 15.16 -1.49 -16.19
C TYR A 322 13.75 -1.31 -15.65
N ALA A 323 13.57 -1.50 -14.34
CA ALA A 323 12.27 -1.27 -13.71
C ALA A 323 11.90 0.20 -13.80
N ILE A 324 12.89 1.06 -13.60
CA ILE A 324 12.72 2.51 -13.71
C ILE A 324 12.32 2.91 -15.12
N LYS A 325 13.08 2.41 -16.10
CA LYS A 325 12.83 2.72 -17.51
C LYS A 325 11.42 2.34 -17.95
N ILE A 326 10.95 1.18 -17.50
CA ILE A 326 9.63 0.69 -17.88
C ILE A 326 8.51 1.40 -17.11
N ALA A 327 8.69 1.59 -15.81
CA ALA A 327 7.74 2.36 -15.02
C ALA A 327 7.60 3.77 -15.58
N PHE A 328 8.73 4.36 -15.96
CA PHE A 328 8.75 5.70 -16.54
C PHE A 328 7.89 5.79 -17.80
N MET A 329 8.08 4.85 -18.72
CA MET A 329 7.33 4.85 -19.97
C MET A 329 5.84 4.64 -19.76
N ILE A 330 5.47 3.80 -18.80
CA ILE A 330 4.07 3.57 -18.47
C ILE A 330 3.44 4.84 -17.92
N GLU A 331 4.13 5.50 -17.01
CA GLU A 331 3.62 6.72 -16.39
C GLU A 331 3.40 7.84 -17.39
N LEU A 332 4.31 7.97 -18.36
CA LEU A 332 4.14 8.92 -19.46
C LEU A 332 2.78 8.75 -20.13
N ALA A 333 2.45 7.50 -20.47
CA ALA A 333 1.15 7.19 -21.06
C ALA A 333 0.02 7.45 -20.08
N VAL A 334 0.24 7.10 -18.81
CA VAL A 334 -0.75 7.33 -17.76
C VAL A 334 -1.01 8.81 -17.54
N VAL A 335 0.06 9.60 -17.42
CA VAL A 335 -0.06 11.03 -17.21
C VAL A 335 -0.66 11.74 -18.42
N ALA A 336 -0.19 11.39 -19.61
CA ALA A 336 -0.72 11.96 -20.84
C ALA A 336 -2.24 11.73 -20.92
N PHE A 337 -2.67 10.50 -20.66
CA PHE A 337 -4.10 10.17 -20.68
C PHE A 337 -4.91 11.02 -19.70
N ILE A 338 -4.44 11.12 -18.46
CA ILE A 338 -5.14 11.87 -17.42
C ILE A 338 -5.25 13.36 -17.75
N MET A 339 -4.14 13.97 -18.16
CA MET A 339 -4.14 15.39 -18.52
C MET A 339 -5.02 15.65 -19.76
N LEU A 340 -5.01 14.71 -20.70
CA LEU A 340 -5.79 14.82 -21.94
C LEU A 340 -7.28 14.63 -21.69
N PHE A 341 -7.63 13.61 -20.92
CA PHE A 341 -9.03 13.31 -20.65
C PHE A 341 -9.46 13.78 -19.26
N ALA A 342 -8.79 14.82 -18.76
CA ALA A 342 -9.13 15.41 -17.47
C ALA A 342 -10.63 15.73 -17.27
N PRO A 343 -11.28 16.36 -18.28
CA PRO A 343 -12.71 16.63 -18.05
C PRO A 343 -13.54 15.36 -17.96
N GLN A 344 -13.19 14.35 -18.77
CA GLN A 344 -13.92 13.07 -18.76
C GLN A 344 -13.76 12.33 -17.44
N VAL A 345 -12.53 12.32 -16.91
CA VAL A 345 -12.25 11.68 -15.63
C VAL A 345 -12.95 12.42 -14.49
N ALA A 346 -12.88 13.76 -14.54
CA ALA A 346 -13.52 14.59 -13.52
C ALA A 346 -15.03 14.37 -13.47
N TYR A 347 -15.63 14.07 -14.62
CA TYR A 347 -17.06 13.76 -14.68
C TYR A 347 -17.37 12.53 -13.84
N LEU A 348 -16.57 11.48 -14.01
CA LEU A 348 -16.80 10.21 -13.34
C LEU A 348 -16.60 10.27 -11.83
N PHE A 349 -15.76 11.20 -11.37
CA PHE A 349 -15.47 11.32 -9.95
C PHE A 349 -16.26 12.44 -9.28
N THR A 350 -17.11 13.10 -10.05
CA THR A 350 -18.04 14.08 -9.53
C THR A 350 -19.45 13.66 -9.95
N TYR A 351 -19.71 12.36 -9.81
CA TYR A 351 -20.97 11.75 -10.30
C TYR A 351 -22.12 11.96 -9.32
N SER A 352 -22.51 13.22 -9.12
CA SER A 352 -23.66 13.58 -8.30
C SER A 352 -23.92 15.07 -8.44
N GLU A 353 -25.13 15.49 -8.07
CA GLU A 353 -25.51 16.89 -8.17
C GLU A 353 -24.70 17.76 -7.20
N SER A 354 -24.29 17.17 -6.08
CA SER A 354 -23.60 17.93 -5.03
C SER A 354 -22.11 18.09 -5.32
N ALA A 355 -21.55 17.14 -6.06
CA ALA A 355 -20.13 17.18 -6.40
C ALA A 355 -19.87 17.96 -7.69
N GLN A 356 -20.93 18.51 -8.27
CA GLN A 356 -20.82 19.25 -9.52
C GLN A 356 -19.99 20.54 -9.38
N VAL A 357 -20.00 21.13 -8.20
CA VAL A 357 -19.31 22.39 -7.95
C VAL A 357 -17.79 22.28 -7.99
N ILE A 358 -17.26 21.12 -7.63
CA ILE A 358 -15.80 20.93 -7.57
C ILE A 358 -15.20 20.35 -8.85
N LYS A 359 -16.03 20.14 -9.86
CA LYS A 359 -15.58 19.54 -11.13
C LYS A 359 -14.48 20.34 -11.81
N GLY A 360 -14.71 21.65 -11.94
CA GLY A 360 -13.74 22.54 -12.58
C GLY A 360 -12.41 22.56 -11.86
N ASP A 361 -12.45 22.52 -10.53
CA ASP A 361 -11.24 22.48 -9.73
C ASP A 361 -10.53 21.12 -9.84
N LEU A 362 -11.31 20.05 -10.01
CA LEU A 362 -10.74 18.72 -10.16
C LEU A 362 -9.97 18.64 -11.47
N ILE A 363 -10.53 19.24 -12.52
CA ILE A 363 -9.87 19.28 -13.83
C ILE A 363 -8.51 19.96 -13.74
N SER A 364 -8.47 21.12 -13.09
CA SER A 364 -7.21 21.85 -12.89
C SER A 364 -6.19 21.02 -12.13
N ALA A 365 -6.65 20.34 -11.08
CA ALA A 365 -5.77 19.44 -10.32
C ALA A 365 -5.25 18.30 -11.20
N LEU A 366 -6.13 17.78 -12.06
CA LEU A 366 -5.76 16.68 -12.95
C LEU A 366 -4.81 17.15 -14.08
N ARG A 367 -4.73 18.46 -14.29
CA ARG A 367 -3.83 19.01 -15.30
C ARG A 367 -2.55 19.54 -14.67
N THR A 368 -2.32 19.21 -13.41
CA THR A 368 -1.16 19.69 -12.68
C THR A 368 -0.55 18.57 -11.83
N LEU A 369 -1.32 18.11 -10.85
CA LEU A 369 -0.87 17.09 -9.88
C LEU A 369 -0.27 15.79 -10.46
N PRO A 370 -0.92 15.16 -11.46
CA PRO A 370 -0.42 13.85 -11.88
C PRO A 370 0.98 13.88 -12.50
N VAL A 371 1.49 15.07 -12.81
CA VAL A 371 2.80 15.22 -13.46
C VAL A 371 3.93 14.52 -12.70
N PHE A 372 3.86 14.49 -11.37
CA PHE A 372 4.92 13.89 -10.57
C PHE A 372 5.06 12.38 -10.77
N LEU A 373 3.99 11.73 -11.25
CA LEU A 373 3.99 10.29 -11.49
C LEU A 373 5.14 9.86 -12.39
N VAL A 374 5.67 10.78 -13.18
CA VAL A 374 6.70 10.44 -14.16
C VAL A 374 8.10 10.48 -13.52
N LEU A 375 8.20 11.06 -12.34
CA LEU A 375 9.46 11.12 -11.60
C LEU A 375 9.53 10.05 -10.50
N THR A 376 8.36 9.67 -9.99
CA THR A 376 8.22 8.63 -8.97
C THR A 376 9.06 7.34 -9.15
N PRO A 377 9.11 6.79 -10.38
CA PRO A 377 9.88 5.54 -10.55
C PRO A 377 11.35 5.64 -10.11
N PHE A 378 11.92 6.84 -10.15
CA PHE A 378 13.32 7.01 -9.80
C PHE A 378 13.56 6.85 -8.30
N GLY A 379 12.61 7.28 -7.49
CA GLY A 379 12.71 7.13 -6.05
C GLY A 379 12.15 5.81 -5.53
N MET A 380 11.06 5.35 -6.15
CA MET A 380 10.39 4.13 -5.71
C MET A 380 11.17 2.84 -5.98
N MET A 381 11.77 2.71 -7.16
CA MET A 381 12.54 1.52 -7.47
C MET A 381 13.83 1.49 -6.66
N THR A 382 14.33 2.68 -6.32
CA THR A 382 15.49 2.83 -5.44
C THR A 382 15.15 2.34 -4.04
N SER A 383 13.97 2.74 -3.57
CA SER A 383 13.49 2.27 -2.28
C SER A 383 13.23 0.76 -2.34
N ALA A 384 12.78 0.29 -3.50
CA ALA A 384 12.45 -1.12 -3.68
C ALA A 384 13.68 -2.03 -3.61
N MET A 385 14.81 -1.56 -4.15
CA MET A 385 16.02 -2.36 -4.13
C MET A 385 16.77 -2.26 -2.79
N PHE A 386 16.54 -1.17 -2.06
CA PHE A 386 17.06 -1.07 -0.70
C PHE A 386 16.44 -2.17 0.14
N GLN A 387 15.15 -2.41 -0.06
CA GLN A 387 14.45 -3.51 0.61
C GLN A 387 14.91 -4.87 0.11
N GLY A 388 15.28 -4.93 -1.17
CA GLY A 388 15.79 -6.16 -1.76
C GLY A 388 17.10 -6.61 -1.15
N ILE A 389 17.97 -5.64 -0.84
CA ILE A 389 19.24 -5.96 -0.20
C ILE A 389 19.13 -5.98 1.33
N GLY A 390 17.91 -5.76 1.84
CA GLY A 390 17.67 -5.90 3.26
C GLY A 390 17.82 -4.64 4.09
N GLU A 391 18.11 -3.53 3.42
CA GLU A 391 18.33 -2.27 4.12
C GLU A 391 17.05 -1.44 4.18
N GLY A 392 16.08 -1.90 4.97
CA GLY A 392 14.80 -1.22 5.11
C GLY A 392 14.88 0.18 5.67
N GLU A 393 15.84 0.43 6.56
CA GLU A 393 15.97 1.75 7.17
C GLU A 393 16.28 2.84 6.16
N LYS A 394 16.95 2.47 5.06
CA LYS A 394 17.24 3.41 3.99
C LYS A 394 15.97 3.73 3.21
N SER A 395 15.13 2.71 3.04
CA SER A 395 13.86 2.87 2.34
C SER A 395 12.93 3.75 3.17
N LEU A 396 12.96 3.58 4.49
CA LEU A 396 12.15 4.38 5.40
C LEU A 396 12.54 5.86 5.35
N ILE A 397 13.84 6.12 5.43
CA ILE A 397 14.36 7.49 5.40
C ILE A 397 13.98 8.19 4.09
N LEU A 398 14.13 7.47 2.98
CA LEU A 398 13.79 8.03 1.68
C LEU A 398 12.29 8.36 1.54
N THR A 399 11.44 7.47 2.06
CA THR A 399 9.99 7.67 2.00
C THR A 399 9.51 8.80 2.92
N ILE A 400 10.13 8.91 4.10
CA ILE A 400 9.84 10.02 5.02
C ILE A 400 10.23 11.35 4.38
N PHE A 401 11.37 11.34 3.68
CA PHE A 401 11.84 12.53 2.98
C PHE A 401 10.86 12.95 1.88
N ARG A 402 10.32 11.98 1.16
CA ARG A 402 9.41 12.24 0.06
C ARG A 402 8.00 12.64 0.53
N THR A 403 7.42 11.84 1.43
CA THR A 403 6.04 12.03 1.86
C THR A 403 5.84 13.17 2.86
N LEU A 404 6.69 13.23 3.87
CA LEU A 404 6.53 14.23 4.93
C LEU A 404 7.30 15.52 4.67
N VAL A 405 8.62 15.41 4.53
CA VAL A 405 9.48 16.58 4.37
C VAL A 405 9.23 17.35 3.07
N MET A 406 9.17 16.63 1.95
CA MET A 406 9.08 17.28 0.64
C MET A 406 7.64 17.53 0.14
N GLN A 407 6.78 16.53 0.21
CA GLN A 407 5.39 16.67 -0.19
C GLN A 407 4.64 17.72 0.65
N VAL A 408 4.58 17.48 1.96
CA VAL A 408 3.84 18.36 2.87
C VAL A 408 4.56 19.70 3.04
N GLY A 409 5.88 19.65 3.15
CA GLY A 409 6.68 20.86 3.32
C GLY A 409 6.48 21.88 2.22
N PHE A 410 6.51 21.43 0.97
CA PHE A 410 6.34 22.32 -0.17
C PHE A 410 4.89 22.75 -0.38
N ALA A 411 3.95 21.87 -0.10
CA ALA A 411 2.52 22.22 -0.16
C ALA A 411 2.20 23.30 0.88
N TYR A 412 2.72 23.11 2.10
CA TYR A 412 2.54 24.09 3.17
C TYR A 412 3.15 25.44 2.80
N ILE A 413 4.33 25.40 2.18
CA ILE A 413 5.04 26.61 1.79
C ILE A 413 4.24 27.45 0.79
N PHE A 414 3.68 26.80 -0.23
CA PHE A 414 2.90 27.51 -1.24
C PHE A 414 1.61 28.11 -0.68
N VAL A 415 0.96 27.39 0.23
CA VAL A 415 -0.26 27.89 0.86
C VAL A 415 0.03 29.04 1.82
N HIS A 416 1.12 28.95 2.56
CA HIS A 416 1.46 30.00 3.52
C HIS A 416 1.94 31.29 2.84
N TYR A 417 2.83 31.15 1.86
CA TYR A 417 3.50 32.31 1.27
C TYR A 417 2.86 32.83 -0.02
N THR A 418 1.90 32.09 -0.57
CA THR A 418 1.23 32.53 -1.80
C THR A 418 -0.29 32.52 -1.69
N THR A 419 -0.93 33.01 -2.76
CA THR A 419 -2.39 33.06 -2.84
C THR A 419 -2.88 32.14 -3.95
N LEU A 420 -2.06 31.16 -4.32
CA LEU A 420 -2.38 30.27 -5.43
C LEU A 420 -3.55 29.32 -5.15
N GLY A 421 -3.94 29.18 -3.88
CA GLY A 421 -5.02 28.29 -3.51
C GLY A 421 -4.67 26.84 -3.70
N LEU A 422 -5.61 26.06 -4.23
CA LEU A 422 -5.41 24.63 -4.43
C LEU A 422 -4.32 24.35 -5.47
N ARG A 423 -4.18 25.24 -6.45
CA ARG A 423 -3.17 25.08 -7.49
C ARG A 423 -1.77 25.05 -6.89
N GLY A 424 -1.57 25.84 -5.85
CA GLY A 424 -0.30 25.86 -5.13
C GLY A 424 -0.03 24.57 -4.38
N VAL A 425 -1.10 23.90 -3.96
CA VAL A 425 -0.99 22.63 -3.26
C VAL A 425 -0.46 21.56 -4.21
N TRP A 426 -1.04 21.50 -5.41
CA TRP A 426 -0.62 20.53 -6.40
C TRP A 426 0.82 20.79 -6.84
N ILE A 427 1.14 22.05 -7.10
CA ILE A 427 2.48 22.45 -7.51
C ILE A 427 3.51 22.14 -6.43
N GLY A 428 3.14 22.36 -5.17
CA GLY A 428 4.00 22.02 -4.05
C GLY A 428 4.27 20.52 -3.98
N ILE A 429 3.22 19.73 -4.16
CA ILE A 429 3.34 18.28 -4.16
C ILE A 429 4.23 17.79 -5.32
N VAL A 430 4.04 18.35 -6.50
CA VAL A 430 4.86 17.98 -7.66
C VAL A 430 6.33 18.31 -7.45
N ILE A 431 6.60 19.54 -7.01
CA ILE A 431 7.97 19.97 -6.72
C ILE A 431 8.60 19.11 -5.63
N GLY A 432 7.84 18.84 -4.57
CA GLY A 432 8.31 17.97 -3.50
C GLY A 432 8.71 16.59 -3.99
N ASN A 433 7.88 16.00 -4.83
CA ASN A 433 8.18 14.69 -5.40
C ASN A 433 9.35 14.70 -6.38
N MET A 434 9.45 15.76 -7.18
CA MET A 434 10.55 15.90 -8.12
C MET A 434 11.89 15.84 -7.38
N VAL A 435 12.02 16.67 -6.33
CA VAL A 435 13.25 16.74 -5.54
C VAL A 435 13.63 15.40 -4.92
N ALA A 436 12.66 14.76 -4.25
CA ALA A 436 12.91 13.48 -3.60
C ALA A 436 13.31 12.39 -4.60
N ALA A 437 12.73 12.44 -5.79
CA ALA A 437 13.03 11.45 -6.82
C ALA A 437 14.50 11.54 -7.25
N ILE A 438 14.98 12.77 -7.42
CA ILE A 438 16.38 13.01 -7.77
C ILE A 438 17.32 12.57 -6.65
N VAL A 439 17.01 12.98 -5.42
CA VAL A 439 17.77 12.57 -4.24
C VAL A 439 17.81 11.06 -4.10
N GLY A 440 16.64 10.43 -4.24
CA GLY A 440 16.55 8.98 -4.18
C GLY A 440 17.37 8.29 -5.25
N PHE A 441 17.29 8.78 -6.49
CA PHE A 441 18.03 8.17 -7.59
C PHE A 441 19.54 8.24 -7.39
N LEU A 442 20.02 9.37 -6.85
CA LEU A 442 21.45 9.55 -6.64
C LEU A 442 21.98 8.74 -5.46
N TRP A 443 21.17 8.62 -4.41
CA TRP A 443 21.51 7.77 -3.27
C TRP A 443 21.63 6.34 -3.75
N GLY A 444 20.70 5.92 -4.61
CA GLY A 444 20.72 4.59 -5.20
C GLY A 444 21.99 4.30 -5.97
N ARG A 445 22.47 5.29 -6.72
CA ARG A 445 23.70 5.10 -7.49
C ARG A 445 24.89 4.93 -6.55
N MET A 446 24.93 5.76 -5.50
CA MET A 446 25.99 5.68 -4.49
C MET A 446 26.02 4.30 -3.85
N ARG A 447 24.86 3.80 -3.43
CA ARG A 447 24.76 2.49 -2.79
C ARG A 447 25.20 1.37 -3.72
N ILE A 448 24.92 1.53 -5.03
CA ILE A 448 25.26 0.52 -6.02
C ILE A 448 26.76 0.50 -6.34
N SER A 449 27.37 1.68 -6.43
CA SER A 449 28.81 1.76 -6.66
C SER A 449 29.59 1.22 -5.46
N ALA A 450 28.99 1.33 -4.28
CA ALA A 450 29.57 0.76 -3.07
C ALA A 450 29.47 -0.76 -3.10
N LEU A 451 28.33 -1.26 -3.57
CA LEU A 451 28.12 -2.71 -3.73
C LEU A 451 29.17 -3.33 -4.66
N LYS A 452 29.52 -2.62 -5.73
CA LYS A 452 30.54 -3.08 -6.66
C LYS A 452 31.91 -3.08 -5.99
N LYS A 453 32.11 -2.16 -5.04
CA LYS A 453 33.37 -2.06 -4.32
C LYS A 453 33.52 -3.21 -3.32
N THR A 454 32.40 -3.63 -2.73
CA THR A 454 32.40 -4.75 -1.80
C THR A 454 32.24 -6.07 -2.54
CA ALA B 1 0.77 21.25 19.50
C ALA B 1 -0.02 20.42 18.48
N PHE B 2 0.49 19.22 18.18
CA PHE B 2 -0.14 18.34 17.20
C PHE B 2 -1.54 17.92 17.62
N THR B 3 -2.51 18.09 16.71
CA THR B 3 -3.86 17.60 16.92
C THR B 3 -4.29 16.68 15.79
N PHE B 4 -5.10 15.68 16.14
CA PHE B 4 -5.67 14.76 15.15
C PHE B 4 -7.18 14.77 15.30
N ARG B 5 -7.86 15.43 14.38
CA ARG B 5 -9.31 15.60 14.51
C ARG B 5 -10.08 14.95 13.36
N TYR B 6 -11.28 14.47 13.66
CA TYR B 6 -12.14 13.88 12.65
C TYR B 6 -13.34 14.77 12.38
N SER B 7 -13.63 14.99 11.10
CA SER B 7 -14.86 15.68 10.71
C SER B 7 -15.89 14.63 10.32
N PRO B 8 -16.95 14.48 11.13
CA PRO B 8 -17.99 13.49 10.86
C PRO B 8 -18.80 13.87 9.62
N SER B 9 -18.84 15.16 9.30
CA SER B 9 -19.60 15.63 8.14
C SER B 9 -18.79 15.56 6.84
N LEU B 10 -17.47 15.48 6.95
CA LEU B 10 -16.61 15.35 5.78
C LEU B 10 -16.09 13.92 5.63
N TYR B 11 -16.17 13.16 6.72
CA TYR B 11 -15.70 11.77 6.78
C TYR B 11 -14.19 11.65 6.56
N THR B 12 -13.45 12.69 6.94
CA THR B 12 -11.98 12.66 6.80
C THR B 12 -11.25 13.18 8.03
N TRP B 13 -10.05 12.66 8.26
CA TRP B 13 -9.23 13.08 9.39
C TRP B 13 -8.30 14.23 9.01
N PHE B 14 -7.96 15.04 10.00
CA PHE B 14 -7.08 16.18 9.78
C PHE B 14 -5.94 16.17 10.81
N LEU B 15 -4.72 16.39 10.32
CA LEU B 15 -3.55 16.50 11.20
C LEU B 15 -3.05 17.95 11.18
N PHE B 16 -3.06 18.61 12.34
CA PHE B 16 -2.61 19.99 12.43
C PHE B 16 -1.42 20.13 13.36
N PRO B 17 -0.53 21.09 13.09
CA PRO B 17 0.54 21.38 14.04
C PRO B 17 0.06 22.40 15.06
N CYS B 18 0.88 22.68 16.07
CA CYS B 18 0.57 23.72 17.03
C CYS B 18 0.32 25.03 16.31
N GLY B 19 -0.96 25.39 16.19
CA GLY B 19 -1.36 26.53 15.41
C GLY B 19 -2.60 26.20 14.57
C10 OLC C . -0.61 28.39 5.99
C9 OLC C . -1.20 27.06 5.82
C11 OLC C . -1.20 29.30 7.04
C8 OLC C . -1.64 26.31 7.06
C12 OLC C . -0.22 29.39 8.22
C7 OLC C . -1.80 24.82 6.78
C6 OLC C . -2.16 24.09 8.06
C5 OLC C . -1.90 22.59 7.95
C4 OLC C . -0.44 22.30 7.62
C3 OLC C . 0.04 21.08 8.39
C2 OLC C . 1.33 20.51 7.79
C1 OLC C . 2.50 20.81 8.69
C10 OLC D . -0.34 -20.35 11.65
C9 OLC D . 1.13 -20.39 11.88
C17 OLC D . -7.93 -20.59 7.66
C11 OLC D . -0.91 -20.71 10.30
C8 OLC D . 1.92 -21.57 11.39
C16 OLC D . -6.69 -19.88 8.20
C12 OLC D . -2.43 -20.83 10.44
C15 OLC D . -5.48 -20.81 8.21
C13 OLC D . -3.13 -21.06 9.11
C14 OLC D . -4.36 -20.18 9.03
C18 OLC E . 10.41 -18.44 16.33
C10 OLC E . 8.69 -9.71 19.04
C17 OLC E . 10.72 -16.97 16.40
C11 OLC E . 8.84 -11.15 19.51
C8 OLC E . 4.57 -9.75 21.53
C16 OLC E . 9.53 -16.18 15.86
C12 OLC E . 8.67 -12.11 18.34
C7 OLC E . 3.68 -10.22 22.67
C15 OLC E . 8.89 -15.33 16.96
C13 OLC E . 9.26 -13.48 18.65
C6 OLC E . 2.45 -9.34 22.82
C14 OLC E . 9.77 -14.16 17.37
C5 OLC E . 1.90 -9.40 24.25
C4 OLC E . 0.88 -8.29 24.51
C3 OLC E . -0.52 -8.83 24.74
C2 OLC E . -1.38 -7.82 25.49
C1 OLC E . -2.81 -8.31 25.68
C10 OLC F . -2.61 -9.52 0.07
C9 OLC F . -1.80 -8.31 -0.14
C11 OLC F . -4.08 -9.55 -0.28
C8 OLC F . -1.17 -8.02 -1.48
C12 OLC F . -4.45 -10.92 -0.84
C7 OLC F . -0.07 -6.98 -1.29
C13 OLC F . -3.91 -12.04 0.04
C6 OLC F . 0.70 -6.75 -2.58
C14 OLC F . -2.87 -12.87 -0.70
C5 OLC F . 2.19 -6.55 -2.31
C4 OLC F . 2.56 -5.07 -2.22
C3 OLC F . 2.65 -4.60 -0.78
C10 OLC G . -8.55 -10.95 1.26
C9 OLC G . -9.69 -10.26 0.61
C11 OLC G . -7.26 -10.18 1.42
C8 OLC G . -9.97 -8.84 1.02
C12 OLC G . -6.80 -10.22 2.87
C7 OLC G . -10.96 -8.20 0.07
C15 OLC G . -4.87 -6.97 2.74
C13 OLC G . -5.57 -9.35 3.05
C6 OLC G . -10.90 -6.68 0.18
C14 OLC G . -5.95 -7.89 3.30
C5 OLC G . -9.82 -6.12 -0.75
#